data_7NH5
#
_entry.id   7NH5
#
_cell.length_a   70.650
_cell.length_b   71.410
_cell.length_c   91.020
_cell.angle_alpha   90.000
_cell.angle_beta   90.000
_cell.angle_gamma   90.000
#
_symmetry.space_group_name_H-M   'P 21 21 21'
#
loop_
_entity.id
_entity.type
_entity.pdbx_description
1 polymer 'RAC-alpha serine/threonine-protein kinase'
2 non-polymer 'ACETATE ION'
3 non-polymer ~{N}-methyl-6-[4-[[4-[2-oxidanylidene-6-(propanoylamino)-3~{H}-benzimidazol-1-yl]piperidin-1-yl]methyl]phenyl]-5-phenyl-pyridine-3-carboxamide
4 water water
#
_entity_poly.entity_id   1
_entity_poly.type   'polypeptide(L)'
_entity_poly.pdbx_seq_one_letter_code
;GSDVAIVKEGWLHKRGEYIKTWRPRYFLLKNDGTFIGYKERPQDVDQREAPLNNFSVAQCQLMKTERPRPNTFIIRCLQW
TTVIERTFHVETPEEREEWTTAIQTVADGLKKQAAAEMDFRSGSPSDNSGAEEMEVSLAKPKHRVTMNEFEYLKLLGKGT
FGKVILVKEKATGRYYAMKILKKEVIVAKDEVAHTLTENRVLQNSRHPFLTALKYSFQTHDRLCFVMEYANGGELFFHLS
RERVFSEDRARFYGAEIVSALDYLHSEKNVVYRDLKLENLMLDKDGHIKITDFGLCKEGIKDGATMKTFCGTPEYLAPEV
LEDNDYGRAVDWWGLGVVMYEMMCGRLPFYNQDHEKLFELILMEEIRFPRTLGPEAKSLLSGLLKKDPKQRLGGGSEDAK
EIMQHRFFAGIVWQHVYEKKLSPPFKPQVTSETDTRYFDEEFTAQM
;
_entity_poly.pdbx_strand_id   A
#
loop_
_chem_comp.id
_chem_comp.type
_chem_comp.name
_chem_comp.formula
ACT non-polymer 'ACETATE ION' 'C2 H3 O2 -1'
UC8 non-polymer ~{N}-methyl-6-[4-[[4-[2-oxidanylidene-6-(propanoylamino)-3~{H}-benzimidazol-1-yl]piperidin-1-yl]methyl]phenyl]-5-phenyl-pyridine-3-carboxamide 'C35 H36 N6 O3'
#
# COMPACT_ATOMS: atom_id res chain seq x y z
N ASP A 3 26.02 -9.20 -12.96
CA ASP A 3 26.63 -8.25 -12.03
C ASP A 3 25.93 -8.30 -10.65
N VAL A 4 24.60 -8.45 -10.62
CA VAL A 4 23.89 -8.50 -9.34
C VAL A 4 24.36 -9.72 -8.56
N ALA A 5 24.89 -9.49 -7.34
CA ALA A 5 25.42 -10.56 -6.52
C ALA A 5 24.97 -10.40 -5.06
N ILE A 6 25.07 -11.49 -4.32
CA ILE A 6 24.82 -11.46 -2.89
C ILE A 6 26.06 -10.92 -2.18
N VAL A 7 25.87 -9.95 -1.30
CA VAL A 7 26.95 -9.35 -0.53
C VAL A 7 27.09 -10.01 0.83
N LYS A 8 25.97 -10.20 1.50
CA LYS A 8 25.93 -10.85 2.79
C LYS A 8 24.61 -11.59 2.88
N GLU A 9 24.65 -12.74 3.54
CA GLU A 9 23.42 -13.48 3.78
C GLU A 9 23.54 -14.17 5.13
N GLY A 10 22.40 -14.48 5.73
CA GLY A 10 22.41 -15.18 6.98
C GLY A 10 21.12 -14.97 7.74
N TRP A 11 21.02 -15.64 8.88
CA TRP A 11 19.83 -15.56 9.71
C TRP A 11 19.81 -14.28 10.54
N LEU A 12 18.62 -13.69 10.64
CA LEU A 12 18.33 -12.53 11.47
C LEU A 12 17.02 -12.79 12.21
N HIS A 13 16.82 -12.09 13.32
CA HIS A 13 15.48 -11.95 13.90
C HIS A 13 14.88 -10.62 13.42
N LYS A 14 13.73 -10.68 12.73
CA LYS A 14 13.03 -9.49 12.26
C LYS A 14 11.77 -9.28 13.08
N ARG A 15 11.53 -8.06 13.51
CA ARG A 15 10.27 -7.77 14.16
C ARG A 15 9.17 -7.70 13.11
N GLY A 16 8.04 -8.33 13.40
CA GLY A 16 6.98 -8.44 12.42
C GLY A 16 6.37 -7.09 12.10
N GLU A 17 5.89 -6.96 10.88
CA GLU A 17 5.40 -5.66 10.43
C GLU A 17 4.00 -5.37 10.92
N TYR A 18 3.17 -6.39 11.09
CA TYR A 18 1.81 -6.14 11.54
C TYR A 18 1.49 -6.79 12.86
N ILE A 19 1.88 -8.05 13.05
CA ILE A 19 2.01 -8.58 14.40
C ILE A 19 3.46 -8.32 14.81
N LYS A 20 3.67 -7.51 15.84
CA LYS A 20 5.01 -7.04 16.17
C LYS A 20 5.72 -8.01 17.13
N THR A 21 6.00 -9.22 16.62
CA THR A 21 6.76 -10.24 17.33
C THR A 21 8.03 -10.58 16.56
N TRP A 22 9.01 -11.13 17.26
CA TRP A 22 10.31 -11.44 16.68
C TRP A 22 10.24 -12.77 15.94
N ARG A 23 10.76 -12.80 14.70
CA ARG A 23 10.74 -14.03 13.92
C ARG A 23 12.01 -14.27 13.13
N PRO A 24 12.50 -15.51 13.12
CA PRO A 24 13.75 -15.82 12.41
C PRO A 24 13.52 -15.86 10.91
N ARG A 25 14.32 -15.08 10.18
CA ARG A 25 14.20 -14.98 8.74
C ARG A 25 15.59 -14.95 8.16
N TYR A 26 15.77 -15.67 7.05
CA TYR A 26 17.04 -15.72 6.34
C TYR A 26 17.06 -14.59 5.32
N PHE A 27 17.99 -13.65 5.49
CA PHE A 27 18.05 -12.44 4.68
C PHE A 27 19.21 -12.49 3.70
N LEU A 28 18.95 -11.97 2.50
CA LEU A 28 19.98 -11.77 1.50
C LEU A 28 20.14 -10.28 1.26
N LEU A 29 21.36 -9.79 1.43
CA LEU A 29 21.76 -8.46 0.98
C LEU A 29 22.48 -8.60 -0.36
N LYS A 30 22.00 -7.89 -1.38
CA LYS A 30 22.64 -7.92 -2.70
C LYS A 30 23.14 -6.53 -3.07
N ASN A 31 24.08 -6.52 -4.00
CA ASN A 31 24.76 -5.28 -4.39
C ASN A 31 23.87 -4.33 -5.18
N ASP A 32 22.70 -4.76 -5.63
CA ASP A 32 21.76 -3.82 -6.22
C ASP A 32 20.92 -3.10 -5.18
N GLY A 33 21.21 -3.29 -3.90
CA GLY A 33 20.47 -2.67 -2.83
C GLY A 33 19.39 -3.52 -2.20
N THR A 34 18.97 -4.62 -2.83
CA THR A 34 17.85 -5.34 -2.25
C THR A 34 18.29 -6.03 -0.95
N PHE A 35 17.43 -5.95 0.07
CA PHE A 35 17.63 -6.65 1.34
C PHE A 35 16.29 -7.35 1.62
N ILE A 36 16.27 -8.66 1.46
CA ILE A 36 15.02 -9.42 1.45
C ILE A 36 15.16 -10.63 2.37
N GLY A 37 14.08 -10.94 3.08
CA GLY A 37 14.08 -12.04 4.04
C GLY A 37 13.10 -13.12 3.64
N TYR A 38 13.44 -14.35 4.01
CA TYR A 38 12.69 -15.56 3.66
C TYR A 38 12.48 -16.43 4.90
N LYS A 39 11.40 -17.19 4.91
CA LYS A 39 11.20 -18.14 6.00
C LYS A 39 12.31 -19.19 6.01
N GLU A 40 12.71 -19.66 4.83
CA GLU A 40 13.80 -20.62 4.72
C GLU A 40 14.81 -20.10 3.70
N ARG A 41 16.00 -20.64 3.77
CA ARG A 41 17.03 -20.26 2.81
C ARG A 41 16.57 -20.62 1.40
N PRO A 42 16.58 -19.68 0.46
CA PRO A 42 15.93 -19.91 -0.83
C PRO A 42 16.82 -20.65 -1.81
N GLN A 43 16.17 -21.30 -2.78
CA GLN A 43 16.86 -22.06 -3.82
C GLN A 43 17.34 -21.16 -4.96
N ASP A 44 16.60 -20.11 -5.29
CA ASP A 44 16.99 -19.14 -6.31
C ASP A 44 17.31 -19.83 -7.64
N GLU A 49 11.21 -10.25 -11.97
CA GLU A 49 12.57 -10.31 -11.43
C GLU A 49 13.27 -8.94 -11.39
N ALA A 50 12.65 -7.90 -11.95
CA ALA A 50 13.10 -6.54 -11.70
C ALA A 50 12.93 -6.22 -10.23
N PRO A 51 13.95 -5.69 -9.55
CA PRO A 51 13.87 -5.57 -8.09
C PRO A 51 12.79 -4.58 -7.66
N LEU A 52 12.27 -4.77 -6.45
CA LEU A 52 11.24 -3.89 -5.92
C LEU A 52 11.85 -2.89 -4.94
N ASN A 53 11.52 -1.61 -5.12
CA ASN A 53 12.04 -0.56 -4.25
C ASN A 53 11.72 -0.81 -2.80
N ASN A 54 10.58 -1.46 -2.52
CA ASN A 54 10.18 -1.74 -1.15
C ASN A 54 11.34 -2.25 -0.30
N PHE A 55 12.19 -3.08 -0.88
CA PHE A 55 13.22 -3.77 -0.11
C PHE A 55 14.58 -3.11 -0.23
N SER A 56 14.67 -2.01 -0.98
CA SER A 56 15.97 -1.39 -1.21
C SER A 56 16.46 -0.68 0.05
N VAL A 57 17.76 -0.79 0.31
CA VAL A 57 18.40 -0.04 1.39
C VAL A 57 19.02 1.24 0.88
N ALA A 58 18.81 1.57 -0.40
CA ALA A 58 19.39 2.80 -0.93
C ALA A 58 18.79 4.00 -0.19
N GLN A 59 19.66 4.91 0.24
CA GLN A 59 19.27 6.15 0.92
C GLN A 59 18.66 5.92 2.30
N CYS A 60 18.89 4.79 2.92
N CYS A 60 18.98 4.78 2.90
CA CYS A 60 18.31 4.55 4.22
CA CYS A 60 18.52 4.43 4.24
C CYS A 60 19.31 4.90 5.32
C CYS A 60 19.28 5.24 5.29
N GLN A 61 18.80 5.13 6.52
CA GLN A 61 19.65 5.38 7.67
C GLN A 61 19.62 4.14 8.57
N LEU A 62 20.78 3.80 9.10
CA LEU A 62 20.95 2.65 9.97
C LEU A 62 21.10 3.16 11.38
N MET A 63 20.32 2.62 12.29
CA MET A 63 20.44 2.96 13.70
C MET A 63 20.68 1.69 14.50
N LYS A 64 21.64 1.74 15.41
CA LYS A 64 21.85 0.65 16.35
C LYS A 64 21.19 1.07 17.65
N THR A 65 20.40 0.17 18.25
CA THR A 65 19.77 0.48 19.52
CA THR A 65 19.77 0.48 19.52
C THR A 65 19.82 -0.73 20.45
N GLU A 66 19.68 -0.43 21.74
CA GLU A 66 19.55 -1.48 22.76
C GLU A 66 18.11 -1.62 23.25
N ARG A 67 17.15 -0.93 22.64
CA ARG A 67 15.77 -1.03 23.07
C ARG A 67 14.86 -1.13 21.86
N PRO A 68 13.80 -1.95 21.90
CA PRO A 68 13.27 -2.62 23.10
C PRO A 68 14.17 -3.74 23.54
N ARG A 69 15.08 -4.12 22.66
CA ARG A 69 15.89 -5.29 22.83
C ARG A 69 17.36 -5.01 22.51
N PRO A 70 18.28 -5.51 23.34
CA PRO A 70 19.71 -5.36 23.05
C PRO A 70 20.08 -5.88 21.65
N ASN A 71 21.16 -5.32 21.10
CA ASN A 71 21.68 -5.69 19.78
C ASN A 71 20.65 -5.57 18.68
N THR A 72 19.79 -4.56 18.74
CA THR A 72 18.85 -4.31 17.67
C THR A 72 19.48 -3.35 16.65
N PHE A 73 19.08 -3.48 15.38
CA PHE A 73 19.37 -2.42 14.41
C PHE A 73 18.16 -2.18 13.55
N ILE A 74 18.01 -0.94 13.12
CA ILE A 74 16.82 -0.49 12.41
C ILE A 74 17.27 0.09 11.07
N ILE A 75 16.58 -0.29 9.99
CA ILE A 75 16.75 0.35 8.68
C ILE A 75 15.54 1.26 8.47
N ARG A 76 15.78 2.56 8.38
CA ARG A 76 14.72 3.53 8.19
C ARG A 76 14.91 4.23 6.85
N CYS A 77 13.84 4.28 6.07
CA CYS A 77 13.90 4.81 4.71
C CYS A 77 12.66 5.66 4.47
N LEU A 78 12.84 6.72 3.67
CA LEU A 78 11.70 7.45 3.14
C LEU A 78 11.39 6.85 1.77
N GLN A 79 10.23 6.23 1.65
CA GLN A 79 9.78 5.66 0.38
C GLN A 79 8.61 6.49 -0.11
N TRP A 80 8.84 7.24 -1.19
CA TRP A 80 7.87 8.19 -1.73
C TRP A 80 7.52 9.19 -0.60
N THR A 81 6.36 9.08 0.04
CA THR A 81 6.05 10.04 1.08
C THR A 81 5.85 9.39 2.44
N THR A 82 6.34 8.16 2.62
CA THR A 82 6.11 7.42 3.86
C THR A 82 7.44 6.94 4.43
N VAL A 83 7.66 7.20 5.71
CA VAL A 83 8.85 6.72 6.40
C VAL A 83 8.56 5.29 6.81
N ILE A 84 9.42 4.35 6.39
CA ILE A 84 9.25 2.96 6.81
C ILE A 84 10.47 2.53 7.62
N GLU A 85 10.24 1.63 8.56
CA GLU A 85 11.30 1.12 9.41
C GLU A 85 11.23 -0.39 9.37
N ARG A 86 12.38 -1.04 9.25
CA ARG A 86 12.50 -2.49 9.42
C ARG A 86 13.47 -2.73 10.58
N THR A 87 13.05 -3.55 11.52
CA THR A 87 13.76 -3.69 12.79
C THR A 87 14.23 -5.13 12.96
N PHE A 88 15.51 -5.29 13.32
CA PHE A 88 16.21 -6.57 13.30
C PHE A 88 16.99 -6.76 14.60
N HIS A 89 17.15 -8.01 14.98
CA HIS A 89 18.01 -8.34 16.10
C HIS A 89 18.94 -9.48 15.69
N VAL A 90 20.18 -9.44 16.17
CA VAL A 90 21.08 -10.58 16.06
C VAL A 90 21.69 -10.88 17.42
N GLU A 91 22.41 -12.00 17.48
CA GLU A 91 22.83 -12.53 18.77
C GLU A 91 23.91 -11.66 19.42
N THR A 92 24.88 -11.18 18.64
CA THR A 92 26.05 -10.52 19.19
C THR A 92 26.22 -9.12 18.62
N PRO A 93 26.84 -8.20 19.38
CA PRO A 93 27.18 -6.89 18.79
C PRO A 93 28.13 -7.00 17.62
N GLU A 94 29.02 -7.99 17.63
CA GLU A 94 29.91 -8.18 16.51
C GLU A 94 29.13 -8.53 15.25
N GLU A 95 28.13 -9.42 15.37
CA GLU A 95 27.22 -9.69 14.26
C GLU A 95 26.51 -8.43 13.77
N ARG A 96 25.96 -7.65 14.70
CA ARG A 96 25.27 -6.43 14.32
C ARG A 96 26.19 -5.52 13.52
N GLU A 97 27.43 -5.37 13.99
CA GLU A 97 28.37 -4.52 13.28
C GLU A 97 28.63 -5.05 11.88
N GLU A 98 28.74 -6.38 11.73
CA GLU A 98 28.93 -6.96 10.41
C GLU A 98 27.77 -6.63 9.48
N TRP A 99 26.52 -6.80 9.95
CA TRP A 99 25.38 -6.44 9.11
C TRP A 99 25.36 -4.95 8.78
N THR A 100 25.53 -4.08 9.79
CA THR A 100 25.29 -2.66 9.52
C THR A 100 26.35 -2.09 8.58
N THR A 101 27.60 -2.51 8.72
CA THR A 101 28.62 -2.01 7.80
C THR A 101 28.41 -2.55 6.38
N ALA A 102 28.02 -3.84 6.26
CA ALA A 102 27.68 -4.40 4.95
C ALA A 102 26.55 -3.63 4.30
N ILE A 103 25.47 -3.38 5.05
CA ILE A 103 24.32 -2.65 4.51
C ILE A 103 24.74 -1.25 4.11
N GLN A 104 25.47 -0.55 4.99
CA GLN A 104 25.89 0.81 4.70
C GLN A 104 26.84 0.86 3.50
N THR A 105 27.73 -0.13 3.36
CA THR A 105 28.58 -0.20 2.17
C THR A 105 27.74 -0.35 0.90
N VAL A 106 26.71 -1.18 0.95
CA VAL A 106 25.86 -1.35 -0.23
C VAL A 106 25.14 -0.04 -0.55
N ALA A 107 24.58 0.63 0.46
CA ALA A 107 23.89 1.89 0.21
C ALA A 107 24.83 2.91 -0.43
N ASP A 108 26.03 3.05 0.14
CA ASP A 108 27.01 3.99 -0.40
C ASP A 108 27.29 3.70 -1.87
N GLY A 109 27.59 2.44 -2.19
CA GLY A 109 27.84 2.04 -3.56
C GLY A 109 26.70 2.32 -4.52
N LEU A 110 25.52 2.63 -4.00
CA LEU A 110 24.43 3.01 -4.88
C LEU A 110 24.38 4.51 -5.13
N LYS A 111 25.14 5.30 -4.35
CA LYS A 111 25.07 6.75 -4.47
C LYS A 111 25.44 7.23 -5.87
N LYS A 112 26.47 6.63 -6.49
CA LYS A 112 26.83 6.99 -7.87
C LYS A 112 25.99 6.23 -8.91
N ARG A 144 7.19 30.49 -3.84
CA ARG A 144 7.54 29.51 -2.82
C ARG A 144 6.35 29.26 -1.89
N VAL A 145 5.83 28.04 -1.88
CA VAL A 145 4.62 27.76 -1.10
C VAL A 145 5.00 27.54 0.37
N THR A 146 4.17 28.07 1.28
CA THR A 146 4.35 27.96 2.73
C THR A 146 3.06 27.48 3.39
N MET A 147 3.17 27.15 4.69
CA MET A 147 2.00 26.79 5.48
C MET A 147 0.95 27.89 5.48
N ASN A 148 1.35 29.15 5.32
CA ASN A 148 0.42 30.28 5.36
C ASN A 148 -0.59 30.24 4.21
N GLU A 149 -0.30 29.46 3.16
CA GLU A 149 -1.17 29.39 1.99
C GLU A 149 -2.32 28.43 2.16
N PHE A 150 -2.38 27.69 3.29
CA PHE A 150 -3.35 26.64 3.50
C PHE A 150 -4.16 26.90 4.76
N GLU A 151 -5.45 26.56 4.70
CA GLU A 151 -6.35 26.59 5.83
C GLU A 151 -6.47 25.18 6.38
N TYR A 152 -6.25 25.04 7.69
CA TYR A 152 -6.41 23.73 8.33
C TYR A 152 -7.89 23.42 8.48
N LEU A 153 -8.25 22.19 8.17
CA LEU A 153 -9.62 21.70 8.31
C LEU A 153 -9.74 20.61 9.36
N LYS A 154 -8.94 19.56 9.26
CA LYS A 154 -9.22 18.34 10.00
C LYS A 154 -7.95 17.51 10.10
N LEU A 155 -7.77 16.85 11.23
CA LEU A 155 -6.69 15.89 11.38
C LEU A 155 -7.14 14.58 10.75
N LEU A 156 -6.41 14.12 9.73
CA LEU A 156 -6.77 12.84 9.13
C LEU A 156 -6.10 11.68 9.84
N GLY A 157 -4.85 11.86 10.27
CA GLY A 157 -4.11 10.74 10.82
C GLY A 157 -2.91 11.25 11.59
N LYS A 158 -2.50 10.45 12.57
CA LYS A 158 -1.28 10.74 13.31
C LYS A 158 -0.46 9.47 13.36
N GLY A 159 0.84 9.62 13.16
CA GLY A 159 1.76 8.50 13.10
C GLY A 159 2.98 8.80 13.93
N THR A 160 3.91 7.83 13.91
CA THR A 160 5.11 7.97 14.75
C THR A 160 5.96 9.16 14.35
N PHE A 161 6.09 9.41 13.06
CA PHE A 161 7.00 10.44 12.54
C PHE A 161 6.28 11.64 11.95
N GLY A 162 4.96 11.76 12.15
CA GLY A 162 4.27 12.93 11.66
C GLY A 162 2.76 12.79 11.77
N LYS A 163 2.08 13.60 10.98
CA LYS A 163 0.62 13.62 10.94
C LYS A 163 0.19 13.93 9.51
N VAL A 164 -1.10 13.70 9.23
CA VAL A 164 -1.69 14.05 7.94
C VAL A 164 -2.93 14.88 8.24
N ILE A 165 -3.03 16.04 7.61
CA ILE A 165 -4.13 16.97 7.86
C ILE A 165 -4.84 17.26 6.54
N LEU A 166 -6.14 17.43 6.61
CA LEU A 166 -6.91 17.95 5.47
C LEU A 166 -6.82 19.48 5.46
N VAL A 167 -6.43 20.05 4.31
CA VAL A 167 -6.27 21.49 4.18
C VAL A 167 -6.97 21.93 2.91
N LYS A 168 -7.23 23.23 2.83
CA LYS A 168 -7.75 23.89 1.66
C LYS A 168 -6.73 24.94 1.26
N GLU A 169 -6.28 24.92 0.00
CA GLU A 169 -5.46 26.03 -0.46
C GLU A 169 -6.33 27.28 -0.52
N LYS A 170 -5.90 28.34 0.16
CA LYS A 170 -6.76 29.51 0.31
C LYS A 170 -7.05 30.16 -1.04
N ALA A 171 -6.07 30.16 -1.94
CA ALA A 171 -6.25 30.92 -3.17
C ALA A 171 -7.19 30.23 -4.14
N THR A 172 -7.38 28.91 -4.05
CA THR A 172 -8.22 28.20 -5.01
C THR A 172 -9.40 27.49 -4.38
N GLY A 173 -9.46 27.38 -3.05
CA GLY A 173 -10.49 26.55 -2.43
C GLY A 173 -10.37 25.07 -2.64
N ARG A 174 -9.28 24.59 -3.23
CA ARG A 174 -9.13 23.16 -3.48
C ARG A 174 -8.60 22.46 -2.24
N TYR A 175 -8.93 21.17 -2.13
CA TYR A 175 -8.64 20.36 -0.95
C TYR A 175 -7.44 19.47 -1.18
N TYR A 176 -6.62 19.32 -0.13
CA TYR A 176 -5.38 18.57 -0.15
C TYR A 176 -5.25 17.83 1.16
N ALA A 177 -4.55 16.69 1.11
CA ALA A 177 -4.02 16.06 2.29
C ALA A 177 -2.57 16.51 2.42
N MET A 178 -2.24 17.11 3.55
CA MET A 178 -0.87 17.54 3.80
C MET A 178 -0.23 16.56 4.79
N LYS A 179 0.79 15.84 4.32
CA LYS A 179 1.58 15.00 5.22
C LYS A 179 2.70 15.83 5.84
N ILE A 180 2.74 15.90 7.16
CA ILE A 180 3.71 16.75 7.88
C ILE A 180 4.63 15.82 8.68
N LEU A 181 5.86 15.65 8.21
CA LEU A 181 6.81 14.68 8.76
C LEU A 181 7.92 15.38 9.52
N LYS A 182 8.38 14.74 10.59
CA LYS A 182 9.54 15.24 11.33
C LYS A 182 10.78 15.19 10.45
N LYS A 183 11.42 16.36 10.26
CA LYS A 183 12.54 16.45 9.32
C LYS A 183 13.72 15.58 9.75
N GLU A 184 13.94 15.43 11.05
CA GLU A 184 15.13 14.71 11.53
C GLU A 184 15.13 13.27 11.04
N VAL A 185 14.00 12.57 11.15
CA VAL A 185 13.96 11.16 10.81
C VAL A 185 14.39 10.92 9.37
N ILE A 186 14.39 11.97 8.56
CA ILE A 186 14.71 11.89 7.14
C ILE A 186 16.04 12.60 6.86
N ASN A 204 6.75 13.99 -9.29
CA ASN A 204 5.59 13.13 -9.21
C ASN A 204 5.14 12.70 -10.61
N SER A 205 5.43 11.46 -10.97
CA SER A 205 4.93 10.95 -12.24
C SER A 205 3.44 10.71 -12.11
N ARG A 206 2.68 11.35 -13.00
CA ARG A 206 1.23 11.35 -12.88
C ARG A 206 0.63 10.08 -13.46
N HIS A 207 -0.33 9.52 -12.74
CA HIS A 207 -1.23 8.53 -13.27
C HIS A 207 -2.63 8.99 -12.97
N PRO A 208 -3.62 8.75 -13.84
CA PRO A 208 -4.96 9.30 -13.61
C PRO A 208 -5.61 8.79 -12.33
N PHE A 209 -5.24 7.60 -11.86
CA PHE A 209 -5.96 6.99 -10.75
C PHE A 209 -5.15 6.92 -9.46
N LEU A 210 -4.05 7.64 -9.39
CA LEU A 210 -3.27 7.82 -8.17
C LEU A 210 -3.40 9.26 -7.69
N THR A 211 -3.51 9.45 -6.36
CA THR A 211 -3.54 10.80 -5.81
C THR A 211 -2.19 11.47 -6.07
N ALA A 212 -2.22 12.60 -6.75
CA ALA A 212 -1.00 13.29 -7.16
C ALA A 212 -0.38 14.09 -6.02
N LEU A 213 0.93 14.05 -5.97
CA LEU A 213 1.68 14.93 -5.08
C LEU A 213 1.81 16.29 -5.75
N LYS A 214 1.24 17.33 -5.15
CA LYS A 214 1.14 18.63 -5.83
C LYS A 214 2.23 19.60 -5.41
N TYR A 215 2.51 19.70 -4.11
CA TYR A 215 3.56 20.60 -3.62
C TYR A 215 4.40 19.87 -2.57
N SER A 216 5.62 20.33 -2.40
CA SER A 216 6.43 19.83 -1.31
C SER A 216 7.25 20.99 -0.81
N PHE A 217 7.43 21.08 0.50
CA PHE A 217 8.17 22.18 1.07
C PHE A 217 8.57 21.79 2.49
N GLN A 218 9.44 22.59 3.07
CA GLN A 218 9.86 22.28 4.42
C GLN A 218 9.69 23.50 5.30
N THR A 219 9.46 23.26 6.58
CA THR A 219 9.49 24.29 7.60
C THR A 219 10.75 24.06 8.41
N HIS A 220 10.90 24.77 9.53
CA HIS A 220 12.19 24.68 10.20
C HIS A 220 12.45 23.25 10.71
N ASP A 221 11.43 22.53 11.15
CA ASP A 221 11.65 21.16 11.60
C ASP A 221 10.72 20.12 10.96
N ARG A 222 10.02 20.46 9.86
CA ARG A 222 9.10 19.52 9.21
C ARG A 222 9.32 19.49 7.71
N LEU A 223 9.01 18.34 7.12
CA LEU A 223 8.93 18.16 5.68
C LEU A 223 7.47 17.93 5.32
N CYS A 224 6.93 18.73 4.41
CA CYS A 224 5.52 18.66 4.09
C CYS A 224 5.30 18.16 2.66
N PHE A 225 4.37 17.24 2.50
CA PHE A 225 3.98 16.73 1.19
C PHE A 225 2.51 17.02 1.03
N VAL A 226 2.16 17.74 -0.03
CA VAL A 226 0.78 18.19 -0.25
C VAL A 226 0.19 17.38 -1.41
N MET A 227 -0.80 16.54 -1.11
CA MET A 227 -1.42 15.66 -2.09
CA MET A 227 -1.40 15.69 -2.12
C MET A 227 -2.85 16.06 -2.38
N GLU A 228 -3.24 15.93 -3.65
CA GLU A 228 -4.61 16.19 -4.06
C GLU A 228 -5.56 15.27 -3.30
N TYR A 229 -6.64 15.84 -2.80
CA TYR A 229 -7.67 15.14 -2.05
C TYR A 229 -8.94 15.06 -2.89
N ALA A 230 -9.32 13.86 -3.30
CA ALA A 230 -10.53 13.67 -4.11
C ALA A 230 -11.76 14.15 -3.35
N ASN A 231 -12.67 14.84 -4.03
CA ASN A 231 -13.87 15.38 -3.36
C ASN A 231 -15.13 14.64 -3.78
N GLY A 232 -15.00 13.44 -4.39
CA GLY A 232 -16.13 12.65 -4.86
C GLY A 232 -16.66 11.61 -3.88
N GLY A 233 -16.05 11.56 -2.69
CA GLY A 233 -16.45 10.77 -1.55
C GLY A 233 -15.67 9.47 -1.44
N GLU A 234 -15.63 8.93 -0.21
CA GLU A 234 -14.95 7.68 0.07
C GLU A 234 -15.68 6.50 -0.55
N LEU A 235 -14.91 5.53 -1.07
CA LEU A 235 -15.58 4.34 -1.58
C LEU A 235 -16.29 3.57 -0.47
N PHE A 236 -15.78 3.59 0.76
CA PHE A 236 -16.54 2.90 1.81
C PHE A 236 -17.90 3.56 2.04
N PHE A 237 -17.97 4.89 1.86
CA PHE A 237 -19.24 5.58 2.02
C PHE A 237 -20.21 5.21 0.90
N HIS A 238 -19.73 5.20 -0.34
CA HIS A 238 -20.61 4.85 -1.44
C HIS A 238 -21.06 3.41 -1.35
N LEU A 239 -20.14 2.50 -1.02
CA LEU A 239 -20.51 1.08 -0.94
C LEU A 239 -21.54 0.84 0.15
N SER A 240 -21.35 1.43 1.32
CA SER A 240 -22.28 1.17 2.42
C SER A 240 -23.64 1.79 2.15
N ARG A 241 -23.68 2.95 1.49
CA ARG A 241 -24.95 3.53 1.06
C ARG A 241 -25.66 2.60 0.07
N GLU A 242 -24.94 2.05 -0.88
CA GLU A 242 -25.60 1.24 -1.90
C GLU A 242 -25.63 -0.26 -1.56
N ARG A 243 -24.98 -0.66 -0.46
CA ARG A 243 -24.92 -2.06 -0.01
C ARG A 243 -23.97 -2.91 -0.87
N VAL A 244 -24.20 -2.93 -2.17
CA VAL A 244 -23.42 -3.74 -3.09
C VAL A 244 -23.42 -3.07 -4.44
N PHE A 245 -22.35 -3.28 -5.19
CA PHE A 245 -22.23 -2.78 -6.56
C PHE A 245 -22.56 -3.90 -7.53
N SER A 246 -23.08 -3.53 -8.69
CA SER A 246 -23.27 -4.50 -9.77
C SER A 246 -21.90 -5.02 -10.26
N GLU A 247 -21.90 -6.16 -10.93
CA GLU A 247 -20.65 -6.65 -11.51
C GLU A 247 -20.06 -5.62 -12.47
N ASP A 248 -20.92 -4.96 -13.26
CA ASP A 248 -20.49 -3.92 -14.19
C ASP A 248 -19.81 -2.77 -13.47
N ARG A 249 -20.41 -2.29 -12.38
CA ARG A 249 -19.82 -1.16 -11.66
C ARG A 249 -18.50 -1.55 -10.99
N ALA A 250 -18.45 -2.77 -10.41
CA ALA A 250 -17.18 -3.26 -9.86
C ALA A 250 -16.13 -3.46 -10.96
N ARG A 251 -16.54 -3.88 -12.15
CA ARG A 251 -15.59 -4.05 -13.25
C ARG A 251 -14.95 -2.71 -13.60
N PHE A 252 -15.76 -1.64 -13.66
CA PHE A 252 -15.24 -0.31 -13.95
C PHE A 252 -14.18 0.10 -12.93
N TYR A 253 -14.52 0.04 -11.64
CA TYR A 253 -13.54 0.41 -10.62
C TYR A 253 -12.35 -0.55 -10.62
N GLY A 254 -12.61 -1.84 -10.75
CA GLY A 254 -11.51 -2.81 -10.77
C GLY A 254 -10.55 -2.57 -11.93
N ALA A 255 -11.07 -2.15 -13.09
CA ALA A 255 -10.19 -1.92 -14.23
C ALA A 255 -9.29 -0.72 -13.97
N GLU A 256 -9.83 0.34 -13.38
CA GLU A 256 -9.00 1.49 -13.06
C GLU A 256 -7.91 1.14 -12.04
N ILE A 257 -8.24 0.32 -11.03
CA ILE A 257 -7.24 -0.07 -10.05
C ILE A 257 -6.16 -0.91 -10.72
N VAL A 258 -6.56 -1.83 -11.61
CA VAL A 258 -5.58 -2.64 -12.31
C VAL A 258 -4.62 -1.74 -13.11
N SER A 259 -5.17 -0.75 -13.78
N SER A 259 -5.17 -0.74 -13.79
CA SER A 259 -4.32 0.13 -14.58
CA SER A 259 -4.32 0.14 -14.59
C SER A 259 -3.33 0.87 -13.70
C SER A 259 -3.33 0.89 -13.71
N ALA A 260 -3.77 1.35 -12.55
CA ALA A 260 -2.87 2.00 -11.61
C ALA A 260 -1.84 1.02 -11.03
N LEU A 261 -2.26 -0.20 -10.70
CA LEU A 261 -1.27 -1.14 -10.15
C LEU A 261 -0.25 -1.56 -11.20
N ASP A 262 -0.69 -1.71 -12.46
CA ASP A 262 0.25 -2.07 -13.52
C ASP A 262 1.33 -1.01 -13.64
N TYR A 263 0.93 0.26 -13.57
CA TYR A 263 1.89 1.36 -13.62
C TYR A 263 2.86 1.31 -12.44
N LEU A 264 2.34 1.16 -11.21
CA LEU A 264 3.23 1.09 -10.06
C LEU A 264 4.21 -0.08 -10.17
N HIS A 265 3.72 -1.26 -10.55
CA HIS A 265 4.57 -2.45 -10.63
C HIS A 265 5.60 -2.31 -11.76
N SER A 266 5.13 -1.96 -12.95
CA SER A 266 5.98 -2.08 -14.12
C SER A 266 6.77 -0.81 -14.43
N GLU A 267 6.22 0.38 -14.19
CA GLU A 267 7.01 1.60 -14.38
C GLU A 267 7.78 1.99 -13.13
N LYS A 268 7.17 1.92 -11.94
CA LYS A 268 7.82 2.45 -10.75
C LYS A 268 8.48 1.36 -9.91
N ASN A 269 8.29 0.08 -10.27
CA ASN A 269 8.82 -1.07 -9.53
C ASN A 269 8.55 -0.98 -8.04
N VAL A 270 7.28 -0.78 -7.70
CA VAL A 270 6.91 -0.68 -6.29
C VAL A 270 5.62 -1.47 -6.07
N VAL A 271 5.53 -2.10 -4.92
CA VAL A 271 4.30 -2.78 -4.46
C VAL A 271 3.54 -1.80 -3.58
N TYR A 272 2.24 -1.63 -3.84
CA TYR A 272 1.49 -0.65 -3.05
C TYR A 272 1.27 -1.15 -1.63
N ARG A 273 0.83 -2.40 -1.52
CA ARG A 273 0.75 -3.16 -0.27
C ARG A 273 -0.40 -2.76 0.65
N ASP A 274 -1.04 -1.64 0.38
CA ASP A 274 -2.11 -1.13 1.23
C ASP A 274 -3.46 -1.09 0.51
N LEU A 275 -3.65 -1.93 -0.49
CA LEU A 275 -4.90 -1.82 -1.23
C LEU A 275 -6.02 -2.35 -0.37
N LYS A 276 -6.94 -1.46 0.02
CA LYS A 276 -8.11 -1.75 0.85
C LYS A 276 -9.14 -0.69 0.49
N LEU A 277 -10.39 -0.99 0.80
CA LEU A 277 -11.48 -0.10 0.40
C LEU A 277 -11.26 1.32 0.91
N GLU A 278 -10.75 1.45 2.16
CA GLU A 278 -10.50 2.73 2.81
C GLU A 278 -9.50 3.60 2.06
N ASN A 279 -8.70 3.00 1.17
CA ASN A 279 -7.72 3.79 0.44
C ASN A 279 -8.18 4.10 -0.96
N LEU A 280 -9.47 4.01 -1.19
CA LEU A 280 -10.08 4.27 -2.50
C LEU A 280 -11.07 5.38 -2.31
N MET A 281 -10.98 6.41 -3.15
CA MET A 281 -11.94 7.49 -3.19
C MET A 281 -12.37 7.68 -4.63
N LEU A 282 -13.43 8.47 -4.83
CA LEU A 282 -13.83 8.90 -6.16
C LEU A 282 -13.52 10.38 -6.32
N ASP A 283 -13.05 10.75 -7.51
CA ASP A 283 -12.89 12.16 -7.83
C ASP A 283 -14.25 12.72 -8.19
N LYS A 284 -14.28 14.00 -8.57
CA LYS A 284 -15.54 14.67 -8.83
C LYS A 284 -16.32 14.04 -9.98
N ASP A 285 -15.63 13.40 -10.91
CA ASP A 285 -16.29 12.79 -12.08
C ASP A 285 -16.67 11.32 -11.85
N GLY A 286 -16.21 10.72 -10.77
CA GLY A 286 -16.56 9.35 -10.48
C GLY A 286 -15.49 8.34 -10.81
N HIS A 287 -14.27 8.77 -11.16
CA HIS A 287 -13.16 7.86 -11.39
C HIS A 287 -12.45 7.58 -10.07
N ILE A 288 -11.74 6.46 -10.02
CA ILE A 288 -11.06 6.01 -8.80
C ILE A 288 -9.80 6.84 -8.55
N LYS A 289 -9.53 7.11 -7.27
CA LYS A 289 -8.23 7.60 -6.82
C LYS A 289 -7.74 6.68 -5.72
N ILE A 290 -6.59 6.07 -5.93
CA ILE A 290 -5.92 5.34 -4.87
C ILE A 290 -5.12 6.35 -4.03
N THR A 291 -5.28 6.29 -2.71
CA THR A 291 -4.71 7.37 -1.91
C THR A 291 -3.31 7.05 -1.37
N ASP A 292 -2.62 8.12 -0.98
CA ASP A 292 -1.29 8.04 -0.40
C ASP A 292 -1.25 8.89 0.87
N PHE A 293 -2.11 8.54 1.84
CA PHE A 293 -2.29 9.38 3.02
C PHE A 293 -1.76 8.72 4.27
N GLY A 294 -1.07 7.58 4.12
CA GLY A 294 -0.72 6.78 5.27
C GLY A 294 0.55 7.24 5.98
N LEU A 295 0.71 6.77 7.20
CA LEU A 295 1.91 7.00 8.00
C LEU A 295 2.16 5.76 8.83
N CYS A 296 3.43 5.50 9.15
CA CYS A 296 3.80 4.39 10.03
CA CYS A 296 3.67 4.34 9.99
C CYS A 296 3.34 4.67 11.45
N LYS A 297 2.65 3.73 12.08
CA LYS A 297 2.20 3.84 13.46
C LYS A 297 2.85 2.74 14.26
N GLU A 298 3.12 3.03 15.53
CA GLU A 298 3.34 1.92 16.43
C GLU A 298 1.96 1.33 16.73
N GLY A 299 1.84 0.03 16.57
CA GLY A 299 0.52 -0.58 16.64
C GLY A 299 -0.20 -0.35 17.96
N ILE A 300 -1.37 -0.96 18.12
CA ILE A 300 -2.12 -0.91 19.36
C ILE A 300 -1.98 -2.24 20.09
N LYS A 301 -1.79 -2.18 21.41
CA LYS A 301 -1.55 -3.39 22.20
C LYS A 301 -2.85 -3.96 22.78
N PHE A 309 -0.09 -5.15 17.54
CA PHE A 309 -0.67 -5.31 16.21
C PHE A 309 -0.89 -3.95 15.52
N CYS A 310 -0.35 -3.79 14.30
CA CYS A 310 -0.45 -2.51 13.61
C CYS A 310 -1.72 -2.48 12.76
N GLY A 311 -2.67 -1.64 13.15
CA GLY A 311 -3.86 -1.48 12.34
C GLY A 311 -4.73 -2.72 12.36
N THR A 312 -5.43 -2.95 11.26
CA THR A 312 -6.42 -4.01 11.25
C THR A 312 -6.14 -5.05 10.19
N PRO A 313 -6.29 -6.34 10.50
CA PRO A 313 -5.75 -7.38 9.63
C PRO A 313 -6.58 -7.77 8.41
N GLU A 314 -7.88 -7.48 8.35
CA GLU A 314 -8.77 -8.12 7.37
C GLU A 314 -8.34 -7.95 5.90
N TYR A 315 -7.44 -7.03 5.58
CA TYR A 315 -7.11 -6.85 4.19
C TYR A 315 -5.73 -7.41 3.81
N LEU A 316 -4.94 -7.91 4.77
CA LEU A 316 -3.53 -8.18 4.50
C LEU A 316 -3.34 -9.51 3.77
N ALA A 317 -2.49 -9.53 2.74
CA ALA A 317 -2.17 -10.78 2.05
C ALA A 317 -1.51 -11.76 3.02
N PRO A 318 -1.75 -13.08 2.86
CA PRO A 318 -1.13 -14.07 3.77
C PRO A 318 0.36 -13.90 3.94
N GLU A 319 1.09 -13.71 2.84
CA GLU A 319 2.53 -13.68 2.94
C GLU A 319 3.04 -12.42 3.62
N VAL A 320 2.24 -11.35 3.61
CA VAL A 320 2.55 -10.17 4.41
C VAL A 320 2.27 -10.43 5.89
N LEU A 321 1.10 -11.00 6.18
CA LEU A 321 0.78 -11.35 7.55
C LEU A 321 1.88 -12.19 8.18
N GLU A 322 2.52 -13.04 7.38
CA GLU A 322 3.50 -14.01 7.87
C GLU A 322 4.92 -13.48 7.86
N ASP A 323 5.12 -12.19 7.57
CA ASP A 323 6.47 -11.62 7.39
C ASP A 323 7.33 -12.52 6.53
N ASN A 324 6.70 -13.12 5.52
CA ASN A 324 7.42 -13.89 4.51
CA ASN A 324 7.40 -13.89 4.51
C ASN A 324 7.86 -12.96 3.37
N ASP A 325 8.69 -13.50 2.49
N ASP A 325 8.66 -13.51 2.47
CA ASP A 325 8.94 -12.80 1.23
CA ASP A 325 8.94 -12.79 1.23
C ASP A 325 7.59 -12.45 0.60
C ASP A 325 7.63 -12.50 0.50
N TYR A 326 7.53 -11.30 -0.07
CA TYR A 326 6.33 -10.92 -0.82
C TYR A 326 6.77 -10.11 -2.04
N GLY A 327 5.85 -9.95 -2.98
CA GLY A 327 6.14 -9.25 -4.22
C GLY A 327 4.88 -8.61 -4.74
N ARG A 328 4.82 -8.45 -6.06
CA ARG A 328 3.69 -7.79 -6.72
C ARG A 328 2.36 -8.50 -6.45
N ALA A 329 2.39 -9.80 -6.18
CA ALA A 329 1.15 -10.54 -5.97
C ALA A 329 0.34 -10.01 -4.79
N VAL A 330 1.01 -9.37 -3.81
CA VAL A 330 0.32 -8.79 -2.67
C VAL A 330 -0.81 -7.85 -3.13
N ASP A 331 -0.55 -7.08 -4.19
CA ASP A 331 -1.53 -6.09 -4.64
C ASP A 331 -2.71 -6.74 -5.36
N TRP A 332 -2.49 -7.91 -5.98
CA TRP A 332 -3.61 -8.63 -6.59
C TRP A 332 -4.50 -9.25 -5.51
N TRP A 333 -3.91 -9.70 -4.39
CA TRP A 333 -4.73 -10.08 -3.24
C TRP A 333 -5.59 -8.91 -2.80
N GLY A 334 -4.98 -7.73 -2.67
CA GLY A 334 -5.75 -6.56 -2.28
C GLY A 334 -6.86 -6.26 -3.27
N LEU A 335 -6.56 -6.36 -4.55
CA LEU A 335 -7.61 -6.19 -5.57
C LEU A 335 -8.73 -7.22 -5.36
N GLY A 336 -8.39 -8.45 -5.02
CA GLY A 336 -9.43 -9.45 -4.76
C GLY A 336 -10.28 -9.10 -3.55
N VAL A 337 -9.67 -8.56 -2.48
CA VAL A 337 -10.43 -8.20 -1.30
C VAL A 337 -11.40 -7.07 -1.62
N VAL A 338 -10.91 -6.04 -2.30
CA VAL A 338 -11.73 -4.89 -2.68
C VAL A 338 -12.88 -5.31 -3.60
N MET A 339 -12.58 -6.06 -4.67
CA MET A 339 -13.63 -6.48 -5.59
CA MET A 339 -13.59 -6.54 -5.61
C MET A 339 -14.58 -7.48 -4.95
N TYR A 340 -14.10 -8.33 -4.05
CA TYR A 340 -15.02 -9.23 -3.36
C TYR A 340 -16.05 -8.44 -2.57
N GLU A 341 -15.61 -7.40 -1.85
CA GLU A 341 -16.55 -6.62 -1.06
C GLU A 341 -17.49 -5.81 -1.94
N MET A 342 -16.99 -5.25 -3.03
CA MET A 342 -17.83 -4.49 -3.95
C MET A 342 -18.98 -5.35 -4.45
N MET A 343 -18.70 -6.60 -4.88
CA MET A 343 -19.73 -7.43 -5.51
C MET A 343 -20.49 -8.33 -4.54
N CYS A 344 -19.94 -8.61 -3.36
CA CYS A 344 -20.62 -9.45 -2.36
C CYS A 344 -21.22 -8.65 -1.22
N GLY A 345 -20.84 -7.38 -1.06
CA GLY A 345 -21.30 -6.53 0.02
C GLY A 345 -20.76 -6.85 1.40
N ARG A 346 -19.75 -7.69 1.52
CA ARG A 346 -19.18 -8.14 2.79
C ARG A 346 -17.70 -8.37 2.56
N LEU A 347 -16.90 -8.19 3.61
CA LEU A 347 -15.50 -8.58 3.53
C LEU A 347 -15.37 -10.09 3.37
N PRO A 348 -14.30 -10.56 2.69
CA PRO A 348 -14.16 -12.01 2.48
C PRO A 348 -13.91 -12.79 3.77
N PHE A 349 -13.07 -12.30 4.67
CA PHE A 349 -12.81 -12.93 5.96
C PHE A 349 -13.09 -11.92 7.06
N TYR A 350 -13.86 -12.31 8.06
CA TYR A 350 -14.13 -11.44 9.20
C TYR A 350 -14.38 -12.27 10.46
N ASN A 351 -13.82 -11.80 11.58
CA ASN A 351 -14.10 -12.40 12.88
C ASN A 351 -13.51 -11.52 13.98
N GLN A 352 -14.30 -11.33 15.03
CA GLN A 352 -13.89 -10.46 16.13
C GLN A 352 -12.54 -10.88 16.73
N ASP A 353 -12.27 -12.18 16.77
CA ASP A 353 -11.02 -12.68 17.33
C ASP A 353 -9.88 -12.53 16.32
N HIS A 354 -8.78 -11.89 16.74
CA HIS A 354 -7.63 -11.74 15.86
C HIS A 354 -6.97 -13.09 15.56
N GLU A 355 -6.82 -13.95 16.58
CA GLU A 355 -6.31 -15.29 16.31
C GLU A 355 -7.16 -16.00 15.25
N LYS A 356 -8.48 -15.95 15.41
CA LYS A 356 -9.38 -16.54 14.43
C LYS A 356 -9.27 -15.85 13.07
N LEU A 357 -9.08 -14.55 13.08
CA LEU A 357 -8.99 -13.82 11.83
C LEU A 357 -7.71 -14.15 11.06
N PHE A 358 -6.59 -14.29 11.77
CA PHE A 358 -5.34 -14.67 11.11
C PHE A 358 -5.49 -16.01 10.44
N GLU A 359 -6.09 -16.96 11.14
CA GLU A 359 -6.25 -18.30 10.61
C GLU A 359 -7.27 -18.31 9.48
N LEU A 360 -8.30 -17.48 9.56
CA LEU A 360 -9.17 -17.32 8.40
C LEU A 360 -8.34 -16.90 7.19
N ILE A 361 -7.53 -15.84 7.34
CA ILE A 361 -6.82 -15.31 6.17
C ILE A 361 -5.82 -16.34 5.64
N LEU A 362 -5.09 -17.00 6.54
CA LEU A 362 -4.07 -17.95 6.10
C LEU A 362 -4.65 -19.27 5.62
N MET A 363 -5.80 -19.71 6.14
CA MET A 363 -6.19 -21.12 5.97
C MET A 363 -7.57 -21.37 5.39
N GLU A 364 -8.52 -20.47 5.62
CA GLU A 364 -9.91 -20.73 5.27
C GLU A 364 -10.16 -20.46 3.79
N GLU A 365 -10.86 -21.39 3.13
CA GLU A 365 -11.14 -21.23 1.70
C GLU A 365 -12.19 -20.15 1.48
N ILE A 366 -11.94 -19.24 0.55
CA ILE A 366 -12.86 -18.15 0.32
C ILE A 366 -14.18 -18.71 -0.20
N ARG A 367 -15.28 -18.32 0.40
CA ARG A 367 -16.57 -18.77 -0.08
C ARG A 367 -17.28 -17.63 -0.80
N PHE A 368 -18.16 -17.99 -1.74
CA PHE A 368 -18.85 -16.97 -2.53
C PHE A 368 -20.36 -17.13 -2.44
N PRO A 369 -21.10 -16.04 -2.63
CA PRO A 369 -22.56 -16.13 -2.69
C PRO A 369 -23.04 -16.79 -3.97
N ARG A 370 -24.16 -17.51 -3.86
CA ARG A 370 -24.84 -18.04 -5.04
C ARG A 370 -25.19 -16.94 -6.05
N THR A 371 -25.17 -15.68 -5.63
CA THR A 371 -25.42 -14.56 -6.53
C THR A 371 -24.36 -14.44 -7.62
N LEU A 372 -23.11 -14.76 -7.30
CA LEU A 372 -21.99 -14.36 -8.15
C LEU A 372 -21.93 -15.19 -9.44
N GLY A 373 -21.70 -14.50 -10.56
CA GLY A 373 -21.49 -15.16 -11.83
C GLY A 373 -20.21 -15.97 -11.87
N PRO A 374 -20.09 -16.84 -12.88
CA PRO A 374 -18.90 -17.69 -12.97
C PRO A 374 -17.63 -16.91 -13.30
N GLU A 375 -17.70 -15.89 -14.16
CA GLU A 375 -16.53 -15.04 -14.43
C GLU A 375 -16.07 -14.34 -13.15
N ALA A 376 -17.00 -13.80 -12.37
CA ALA A 376 -16.57 -13.10 -11.17
C ALA A 376 -15.99 -14.08 -10.15
N LYS A 377 -16.59 -15.27 -10.00
CA LYS A 377 -16.03 -16.26 -9.09
C LYS A 377 -14.63 -16.65 -9.52
N SER A 378 -14.43 -16.85 -10.83
CA SER A 378 -13.09 -17.20 -11.33
C SER A 378 -12.08 -16.09 -11.01
N LEU A 379 -12.46 -14.84 -11.26
CA LEU A 379 -11.54 -13.73 -10.97
C LEU A 379 -11.19 -13.72 -9.49
N LEU A 380 -12.22 -13.73 -8.64
CA LEU A 380 -12.00 -13.60 -7.20
C LEU A 380 -11.24 -14.79 -6.64
N SER A 381 -11.56 -16.01 -7.09
N SER A 381 -11.60 -16.01 -7.06
CA SER A 381 -10.84 -17.16 -6.55
CA SER A 381 -10.87 -17.18 -6.61
C SER A 381 -9.39 -17.16 -7.01
C SER A 381 -9.40 -17.07 -6.98
N GLY A 382 -9.13 -16.67 -8.22
CA GLY A 382 -7.74 -16.50 -8.66
C GLY A 382 -6.99 -15.42 -7.88
N LEU A 383 -7.65 -14.27 -7.63
CA LEU A 383 -7.01 -13.18 -6.90
C LEU A 383 -6.76 -13.52 -5.44
N LEU A 384 -7.57 -14.42 -4.87
CA LEU A 384 -7.49 -14.68 -3.44
C LEU A 384 -6.84 -16.03 -3.11
N LYS A 385 -6.11 -16.64 -4.06
CA LYS A 385 -5.32 -17.83 -3.77
C LYS A 385 -4.33 -17.53 -2.64
N LYS A 386 -4.24 -18.44 -1.66
CA LYS A 386 -3.37 -18.22 -0.52
C LYS A 386 -1.92 -18.10 -0.95
N ASP A 387 -1.50 -18.94 -1.90
CA ASP A 387 -0.10 -19.03 -2.31
C ASP A 387 0.16 -17.98 -3.39
N PRO A 388 0.98 -16.98 -3.15
CA PRO A 388 1.15 -15.94 -4.19
C PRO A 388 1.70 -16.48 -5.49
N LYS A 389 2.41 -17.61 -5.46
CA LYS A 389 2.88 -18.19 -6.72
C LYS A 389 1.73 -18.78 -7.55
N GLN A 390 0.61 -19.15 -6.93
CA GLN A 390 -0.55 -19.65 -7.69
C GLN A 390 -1.59 -18.57 -7.95
N ARG A 391 -1.39 -17.38 -7.39
CA ARG A 391 -2.38 -16.32 -7.43
C ARG A 391 -2.43 -15.67 -8.80
N LEU A 392 -3.65 -15.33 -9.24
CA LEU A 392 -3.81 -14.58 -10.48
C LEU A 392 -3.01 -13.29 -10.42
N GLY A 393 -2.19 -13.06 -11.43
CA GLY A 393 -1.28 -11.92 -11.42
C GLY A 393 0.06 -12.17 -10.77
N GLY A 394 0.29 -13.36 -10.22
CA GLY A 394 1.52 -13.62 -9.51
C GLY A 394 2.66 -14.12 -10.36
N GLY A 395 2.42 -14.38 -11.64
CA GLY A 395 3.46 -14.79 -12.57
C GLY A 395 4.16 -13.59 -13.21
N SER A 396 5.07 -13.89 -14.14
CA SER A 396 5.92 -12.84 -14.67
C SER A 396 5.15 -11.83 -15.50
N GLU A 397 3.99 -12.20 -16.03
CA GLU A 397 3.14 -11.26 -16.75
C GLU A 397 2.40 -10.29 -15.83
N ASP A 398 2.47 -10.50 -14.52
CA ASP A 398 1.84 -9.58 -13.56
C ASP A 398 0.44 -9.16 -14.01
N ALA A 399 0.22 -7.86 -14.16
CA ALA A 399 -1.11 -7.33 -14.41
C ALA A 399 -1.73 -7.91 -15.69
N LYS A 400 -0.93 -8.30 -16.69
CA LYS A 400 -1.54 -8.76 -17.93
C LYS A 400 -2.37 -10.03 -17.69
N GLU A 401 -2.01 -10.82 -16.69
CA GLU A 401 -2.80 -11.99 -16.34
C GLU A 401 -4.23 -11.60 -15.97
N ILE A 402 -4.38 -10.46 -15.29
CA ILE A 402 -5.71 -10.00 -14.87
C ILE A 402 -6.43 -9.29 -16.03
N MET A 403 -5.70 -8.46 -16.78
CA MET A 403 -6.28 -7.77 -17.94
C MET A 403 -6.86 -8.72 -18.95
N GLN A 404 -6.26 -9.91 -19.12
CA GLN A 404 -6.72 -10.93 -20.05
C GLN A 404 -7.74 -11.90 -19.47
N HIS A 405 -8.08 -11.77 -18.20
CA HIS A 405 -9.07 -12.66 -17.61
C HIS A 405 -10.44 -12.36 -18.21
N ARG A 406 -11.24 -13.41 -18.38
CA ARG A 406 -12.52 -13.25 -19.06
C ARG A 406 -13.46 -12.31 -18.31
N PHE A 407 -13.27 -12.14 -17.02
CA PHE A 407 -14.08 -11.15 -16.29
C PHE A 407 -13.94 -9.75 -16.92
N PHE A 408 -12.77 -9.42 -17.44
CA PHE A 408 -12.53 -8.14 -18.08
C PHE A 408 -12.61 -8.20 -19.60
N ALA A 409 -13.32 -9.18 -20.15
CA ALA A 409 -13.42 -9.26 -21.60
C ALA A 409 -14.16 -8.04 -22.14
N GLY A 410 -13.68 -7.52 -23.27
CA GLY A 410 -14.26 -6.34 -23.86
C GLY A 410 -13.75 -5.02 -23.31
N ILE A 411 -13.06 -5.03 -22.18
CA ILE A 411 -12.43 -3.81 -21.68
C ILE A 411 -11.26 -3.49 -22.60
N VAL A 412 -11.25 -2.27 -23.14
CA VAL A 412 -10.11 -1.74 -23.89
C VAL A 412 -9.20 -1.03 -22.89
N TRP A 413 -8.00 -1.58 -22.67
CA TRP A 413 -7.25 -1.10 -21.52
C TRP A 413 -6.71 0.29 -21.78
N GLN A 414 -6.44 0.64 -23.03
CA GLN A 414 -6.00 1.99 -23.29
C GLN A 414 -7.11 3.00 -22.99
N HIS A 415 -8.36 2.63 -23.27
CA HIS A 415 -9.50 3.52 -22.94
C HIS A 415 -9.69 3.66 -21.42
N VAL A 416 -9.30 2.63 -20.65
CA VAL A 416 -9.31 2.75 -19.20
C VAL A 416 -8.36 3.85 -18.76
N TYR A 417 -7.11 3.78 -19.20
CA TYR A 417 -6.10 4.78 -18.87
C TYR A 417 -6.51 6.18 -19.31
N GLU A 418 -7.14 6.31 -20.48
CA GLU A 418 -7.50 7.60 -21.05
C GLU A 418 -8.87 8.10 -20.57
N LYS A 419 -9.51 7.40 -19.63
CA LYS A 419 -10.78 7.83 -19.04
C LYS A 419 -11.88 7.98 -20.08
N LYS A 420 -11.79 7.20 -21.16
CA LYS A 420 -12.78 7.27 -22.22
C LYS A 420 -14.03 6.48 -21.88
N LEU A 421 -13.95 5.59 -20.90
CA LEU A 421 -15.12 4.90 -20.37
C LEU A 421 -15.75 5.77 -19.30
N SER A 422 -17.08 5.98 -19.41
CA SER A 422 -17.77 6.92 -18.52
C SER A 422 -18.13 6.23 -17.20
N PRO A 423 -17.94 6.90 -16.07
CA PRO A 423 -18.19 6.27 -14.78
C PRO A 423 -19.64 5.89 -14.62
N PRO A 424 -19.91 4.72 -14.04
CA PRO A 424 -21.31 4.31 -13.85
C PRO A 424 -22.02 5.14 -12.81
N PHE A 425 -21.28 5.84 -11.96
CA PHE A 425 -21.89 6.63 -10.91
C PHE A 425 -21.21 7.99 -10.88
N LYS A 426 -22.03 9.05 -10.90
CA LYS A 426 -21.55 10.42 -10.88
C LYS A 426 -21.73 11.03 -9.50
N PRO A 427 -20.66 11.30 -8.75
CA PRO A 427 -20.85 11.86 -7.40
C PRO A 427 -21.59 13.17 -7.46
N GLN A 428 -22.22 13.52 -6.34
CA GLN A 428 -23.16 14.64 -6.29
C GLN A 428 -22.43 15.95 -6.02
N VAL A 429 -21.48 16.32 -6.88
CA VAL A 429 -20.75 17.58 -6.67
C VAL A 429 -20.76 18.39 -7.97
N THR A 430 -20.66 19.71 -7.82
CA THR A 430 -20.75 20.62 -8.96
C THR A 430 -19.40 21.10 -9.49
N SER A 431 -18.30 20.72 -8.84
CA SER A 431 -16.95 21.16 -9.17
C SER A 431 -16.00 20.53 -8.16
N GLU A 432 -14.70 20.74 -8.36
CA GLU A 432 -13.69 20.17 -7.47
C GLU A 432 -13.61 20.87 -6.12
N THR A 433 -14.34 21.96 -5.91
CA THR A 433 -14.33 22.61 -4.62
C THR A 433 -15.62 22.37 -3.84
N ASP A 434 -16.55 21.59 -4.39
CA ASP A 434 -17.84 21.35 -3.78
C ASP A 434 -17.61 20.52 -2.53
N THR A 435 -18.21 20.94 -1.43
CA THR A 435 -17.88 20.40 -0.13
C THR A 435 -18.81 19.24 0.27
N ARG A 436 -19.73 18.83 -0.60
CA ARG A 436 -20.80 17.90 -0.20
C ARG A 436 -20.30 16.68 0.56
N TYR A 437 -19.17 16.10 0.14
CA TYR A 437 -18.72 14.89 0.80
C TYR A 437 -17.87 15.18 2.02
N PHE A 438 -17.72 16.46 2.37
CA PHE A 438 -17.21 16.87 3.67
C PHE A 438 -18.28 17.45 4.58
N ASP A 439 -19.47 17.75 4.07
CA ASP A 439 -20.51 18.32 4.90
C ASP A 439 -21.05 17.27 5.86
N GLU A 440 -20.97 17.55 7.17
CA GLU A 440 -21.34 16.56 8.17
C GLU A 440 -22.78 16.10 7.99
N GLU A 441 -23.67 17.02 7.60
CA GLU A 441 -25.09 16.67 7.45
C GLU A 441 -25.30 15.58 6.41
N PHE A 442 -24.61 15.68 5.27
CA PHE A 442 -24.79 14.70 4.19
C PHE A 442 -24.00 13.42 4.43
N THR A 443 -22.84 13.49 5.07
CA THR A 443 -22.12 12.27 5.40
C THR A 443 -22.83 11.43 6.49
N ALA A 444 -24.04 11.84 6.90
CA ALA A 444 -24.83 11.20 7.96
C ALA A 444 -24.15 11.38 9.31
C ACT B . 9.42 -3.71 3.13
O ACT B . 9.16 -4.72 3.85
OXT ACT B . 9.17 -3.74 1.89
CH3 ACT B . 10.00 -2.43 3.71
H1 ACT B . 9.30 -1.81 3.92
H2 ACT B . 10.60 -2.02 3.06
H3 ACT B . 10.52 -2.64 4.50
C10 UC8 C . 3.16 2.54 -1.70
C13 UC8 C . 3.89 5.20 -4.33
C15 UC8 C . 5.82 5.64 -5.55
C17 UC8 C . 5.75 7.19 -7.57
C21 UC8 C . 3.73 6.65 -6.24
C22 UC8 C . 3.11 6.01 -5.18
C24 UC8 C . 1.12 7.51 -5.03
C26 UC8 C . -1.07 6.67 -4.73
C28 UC8 C . 0.78 5.11 -4.84
C08 UC8 C . 1.78 2.55 0.48
C09 UC8 C . 2.36 3.25 -0.81
C11 UC8 C . 3.68 3.13 -2.85
C12 UC8 C . 3.32 4.47 -3.11
C16 UC8 C . 5.08 6.44 -6.41
C19 UC8 C . 7.71 7.84 -8.94
C23 UC8 C . 1.63 6.22 -5.02
C25 UC8 C . -0.23 7.76 -4.92
C27 UC8 C . -0.58 5.36 -4.70
C29 UC8 C . 2.53 5.21 -2.21
C30 UC8 C . 2.04 4.59 -1.06
N14 UC8 C . 5.18 5.04 -4.54
N18 UC8 C . 7.15 7.05 -7.83
O20 UC8 C . 5.10 7.96 -8.21
C02 UC8 C . 5.80 -1.34 2.95
C02 UC8 C . 5.91 -0.28 4.17
C04 UC8 C . 4.04 0.59 3.28
C04 UC8 C . 3.63 0.96 3.67
C05 UC8 C . 2.82 -0.01 2.77
C05 UC8 C . 2.75 0.12 2.90
C06 UC8 C . 1.90 1.01 2.07
C06 UC8 C . 1.85 0.95 1.98
C31 UC8 C . 3.67 2.51 1.74
C31 UC8 C . 3.49 2.67 1.91
C32 UC8 C . 4.70 1.52 2.37
C32 UC8 C . 4.42 1.86 2.84
C33 UC8 C . 5.64 -0.38 5.09
C33 UC8 C . 4.31 -0.09 5.90
C34 UC8 C . 5.32 0.37 6.23
C34 UC8 C . 3.17 0.19 6.67
C35 UC8 C . 6.00 0.12 7.43
C35 UC8 C . 3.11 -0.22 8.01
C37 UC8 C . 6.69 1.33 9.52
C37 UC8 C . 1.87 0.91 10.00
C38 UC8 C . 6.26 2.15 10.72
C38 UC8 C . 0.54 1.11 10.71
C39 UC8 C . 7.39 3.09 11.16
C39 UC8 C . -0.14 -0.22 11.06
C41 UC8 C . 6.99 -0.90 7.52
C41 UC8 C . 4.22 -0.92 8.55
C42 UC8 C . 7.30 -1.63 6.38
C42 UC8 C . 5.35 -1.20 7.77
C43 UC8 C . 6.62 -1.38 5.16
C43 UC8 C . 5.40 -0.78 6.43
N03 UC8 C . 5.11 -0.34 3.71
N03 UC8 C . 4.61 0.25 4.49
N07 UC8 C . 2.60 1.80 1.09
N07 UC8 C . 2.61 1.85 1.11
N36 UC8 C . 5.66 0.90 8.60
N36 UC8 C . 1.91 0.06 8.81
N44 UC8 C . 6.74 -1.99 3.82
N44 UC8 C . 6.41 -0.90 5.36
O01 UC8 C . 5.63 -1.61 1.80
O01 UC8 C . 6.49 -0.22 3.14
O40 UC8 C . 7.83 1.06 9.35
O40 UC8 C . 2.84 1.44 10.42
#